data_3HBZ
#
_entry.id   3HBZ
#
_cell.length_a   94.551
_cell.length_b   94.551
_cell.length_c   107.812
_cell.angle_alpha   90.000
_cell.angle_beta   90.000
_cell.angle_gamma   120.000
#
_symmetry.space_group_name_H-M   'P 32 2 1'
#
loop_
_entity.id
_entity.type
_entity.pdbx_description
1 polymer 'putative glycoside hydrolase'
2 non-polymer 'CALCIUM ION'
3 non-polymer 'SODIUM ION'
4 non-polymer 'CACODYLATE ION'
5 non-polymer 'ACETATE ION'
6 non-polymer DI(HYDROXYETHYL)ETHER
7 non-polymer 'HEXAETHYLENE GLYCOL'
8 water water
#
_entity_poly.entity_id   1
_entity_poly.type   'polypeptide(L)'
_entity_poly.pdbx_seq_one_letter_code
;GREEAPNAEADILSCRLPGVV(MSE)TTSPIITNNSINIFVGPGTDISSLAPEFTLTPGATIDPPSGTARDFHSPQQYTV
TAADGFWKKKYTVSVIDTELATIYNFEDTLGGQKYYIFVEREGEKVV(MSE)EWASGNAGYA(MSE)TGVPKTADDYPTF
QFANGKTGKCLSLVTRSTGFFGSI(MSE)G(MSE)PIAAGNLFIGSFDVGNA(MSE)SNPLKATKFGLPFRHIPTYLAGY
YKYKAGDQFTEGGKPVSGKRDICDIYAI(MSE)YETSESVPTLDGTNAFTSPNLVSIARIDDAKETDEWTYFKLPFH
(MSE)LSGKYIDKEKLTAGKYNVAIVFTSSLEGDHFNGAIGSTLLIDEVELIYRSED
;
_entity_poly.pdbx_strand_id   A
#
# COMPACT_ATOMS: atom_id res chain seq x y z
N GLY A 1 -29.63 18.70 -8.21
CA GLY A 1 -29.87 20.00 -7.48
C GLY A 1 -28.61 20.51 -6.80
N ARG A 2 -28.74 21.60 -6.03
CA ARG A 2 -27.58 22.21 -5.32
C ARG A 2 -26.96 21.22 -4.38
N GLU A 3 -25.65 21.23 -4.31
CA GLU A 3 -24.87 20.38 -3.43
C GLU A 3 -25.28 20.59 -1.97
N GLU A 4 -25.39 19.50 -1.19
CA GLU A 4 -25.88 19.58 0.20
C GLU A 4 -24.73 20.02 1.12
N ALA A 5 -23.65 19.22 1.13
CA ALA A 5 -22.41 19.57 1.82
C ALA A 5 -21.26 19.79 0.79
N PRO A 6 -21.10 21.04 0.28
CA PRO A 6 -19.89 21.43 -0.49
C PRO A 6 -18.55 20.92 0.12
N ASN A 7 -17.71 20.24 -0.66
CA ASN A 7 -16.46 19.63 -0.08
C ASN A 7 -15.31 20.64 0.32
N ALA A 8 -15.61 21.94 0.41
CA ALA A 8 -14.62 22.95 0.80
C ALA A 8 -13.38 22.88 -0.11
N GLU A 9 -12.39 22.09 0.28
CA GLU A 9 -11.10 22.01 -0.41
C GLU A 9 -11.23 21.42 -1.86
N ALA A 10 -10.50 22.01 -2.80
CA ALA A 10 -10.46 21.53 -4.12
C ALA A 10 -9.24 20.61 -4.41
N ASP A 11 -9.52 19.60 -5.21
CA ASP A 11 -8.65 18.49 -5.39
C ASP A 11 -8.05 18.47 -6.78
N ILE A 12 -6.89 17.84 -6.86
CA ILE A 12 -6.41 17.26 -8.10
C ILE A 12 -7.12 15.94 -8.25
N LEU A 13 -7.83 15.76 -9.35
CA LEU A 13 -8.63 14.55 -9.58
C LEU A 13 -7.94 13.57 -10.49
N SER A 14 -6.96 14.00 -11.26
CA SER A 14 -6.16 13.08 -12.10
C SER A 14 -4.86 13.71 -12.48
N CYS A 15 -3.93 12.88 -12.94
CA CYS A 15 -2.60 13.31 -13.35
C CYS A 15 -2.16 12.50 -14.51
N ARG A 16 -1.57 13.13 -15.52
CA ARG A 16 -0.94 12.39 -16.58
C ARG A 16 0.25 13.16 -17.13
N LEU A 17 1.11 12.46 -17.88
CA LEU A 17 2.30 13.04 -18.50
C LEU A 17 2.21 12.83 -20.02
N PRO A 18 1.76 13.85 -20.74
CA PRO A 18 1.61 13.72 -22.20
C PRO A 18 2.95 13.31 -22.84
N GLY A 19 2.91 12.34 -23.73
CA GLY A 19 4.15 11.84 -24.37
C GLY A 19 5.12 10.97 -23.58
N VAL A 20 4.84 10.69 -22.30
CA VAL A 20 5.64 9.73 -21.51
C VAL A 20 4.73 8.58 -21.08
N VAL A 21 5.18 7.34 -21.23
CA VAL A 21 4.40 6.19 -20.77
C VAL A 21 4.69 6.02 -19.29
N THR A 23 4.27 3.81 -15.89
CA THR A 23 4.40 2.35 -15.80
C THR A 23 3.18 1.77 -15.10
N THR A 24 2.45 2.63 -14.40
CA THR A 24 1.23 2.26 -13.64
C THR A 24 0.50 3.55 -13.35
N SER A 25 -0.77 3.48 -12.93
CA SER A 25 -1.52 4.70 -12.65
C SER A 25 -0.94 5.50 -11.50
N PRO A 26 -1.00 6.81 -11.62
CA PRO A 26 -0.54 7.65 -10.50
C PRO A 26 -1.31 7.36 -9.24
N ILE A 27 -0.63 7.40 -8.10
CA ILE A 27 -1.24 7.13 -6.83
C ILE A 27 -1.49 8.49 -6.17
N ILE A 28 -2.76 8.81 -6.06
CA ILE A 28 -3.22 10.07 -5.50
C ILE A 28 -3.78 9.87 -4.08
N THR A 29 -3.25 10.63 -3.12
CA THR A 29 -3.81 10.66 -1.78
C THR A 29 -4.42 12.05 -1.56
N ASN A 30 -4.74 12.40 -0.32
CA ASN A 30 -5.29 13.70 -0.02
C ASN A 30 -4.36 14.87 -0.41
N ASN A 31 -3.04 14.72 -0.25
CA ASN A 31 -2.07 15.80 -0.43
C ASN A 31 -0.79 15.39 -1.20
N SER A 32 -0.83 14.25 -1.89
CA SER A 32 0.34 13.77 -2.60
C SER A 32 -0.07 13.01 -3.84
N ILE A 33 0.82 13.09 -4.81
CA ILE A 33 0.77 12.28 -6.03
C ILE A 33 2.14 11.62 -6.26
N ASN A 34 2.13 10.30 -6.53
CA ASN A 34 3.34 9.55 -6.94
C ASN A 34 3.10 9.10 -8.38
N ILE A 35 3.98 9.53 -9.26
CA ILE A 35 3.93 9.25 -10.69
C ILE A 35 5.07 8.26 -10.97
N PHE A 36 4.80 7.18 -11.70
CA PHE A 36 5.81 6.16 -11.97
C PHE A 36 6.20 6.11 -13.46
N VAL A 37 7.50 6.22 -13.73
CA VAL A 37 8.02 6.14 -15.09
C VAL A 37 9.13 5.08 -15.17
N GLY A 38 9.44 4.63 -16.37
CA GLY A 38 10.47 3.62 -16.55
C GLY A 38 11.85 4.12 -16.19
N PRO A 39 12.66 3.26 -15.55
CA PRO A 39 14.07 3.59 -15.31
C PRO A 39 14.74 4.04 -16.58
N GLY A 40 15.47 5.15 -16.51
CA GLY A 40 16.04 5.77 -17.71
C GLY A 40 15.24 6.95 -18.27
N THR A 41 13.99 7.14 -17.88
CA THR A 41 13.21 8.32 -18.31
C THR A 41 13.90 9.56 -17.79
N ASP A 42 13.97 10.61 -18.61
CA ASP A 42 14.48 11.91 -18.18
C ASP A 42 13.43 12.59 -17.32
N ILE A 43 13.77 12.86 -16.07
CA ILE A 43 12.80 13.51 -15.18
C ILE A 43 13.11 15.00 -14.86
N SER A 44 14.09 15.59 -15.57
CA SER A 44 14.53 16.98 -15.37
C SER A 44 13.54 18.00 -15.87
N SER A 45 12.59 17.59 -16.69
CA SER A 45 11.69 18.53 -17.31
C SER A 45 10.36 17.92 -17.70
N LEU A 46 9.72 17.29 -16.74
CA LEU A 46 8.40 16.70 -16.95
C LEU A 46 7.32 17.75 -16.68
N ALA A 47 6.19 17.60 -17.37
CA ALA A 47 5.16 18.62 -17.36
C ALA A 47 3.80 17.95 -17.09
N PRO A 48 3.61 17.47 -15.86
CA PRO A 48 2.34 16.85 -15.48
C PRO A 48 1.12 17.74 -15.80
N GLU A 49 0.07 17.13 -16.33
CA GLU A 49 -1.22 17.80 -16.54
C GLU A 49 -2.29 17.19 -15.65
N PHE A 50 -3.13 18.05 -15.07
CA PHE A 50 -4.07 17.64 -14.05
C PHE A 50 -5.51 17.92 -14.51
N THR A 51 -6.45 17.18 -13.95
CA THR A 51 -7.81 17.64 -13.89
C THR A 51 -8.06 18.07 -12.45
N LEU A 52 -8.98 19.03 -12.28
CA LEU A 52 -9.27 19.64 -11.01
C LEU A 52 -10.74 19.68 -10.74
N THR A 53 -11.06 19.88 -9.47
CA THR A 53 -12.42 20.27 -9.06
C THR A 53 -12.89 21.46 -9.87
N PRO A 54 -14.14 21.40 -10.40
CA PRO A 54 -14.61 22.52 -11.20
C PRO A 54 -14.45 23.88 -10.50
N GLY A 55 -13.92 24.84 -11.25
CA GLY A 55 -13.70 26.18 -10.77
C GLY A 55 -12.41 26.41 -10.01
N ALA A 56 -11.67 25.34 -9.68
CA ALA A 56 -10.38 25.51 -8.98
C ALA A 56 -9.29 25.97 -9.93
N THR A 57 -8.21 26.50 -9.36
CA THR A 57 -7.01 26.76 -10.11
C THR A 57 -5.82 26.14 -9.41
N ILE A 58 -4.75 25.94 -10.17
CA ILE A 58 -3.55 25.33 -9.62
C ILE A 58 -2.33 26.20 -9.95
N ASP A 59 -1.41 26.29 -9.01
CA ASP A 59 -0.23 27.15 -9.11
C ASP A 59 0.94 26.28 -8.71
N PRO A 60 1.93 26.10 -9.62
CA PRO A 60 1.93 26.63 -10.96
C PRO A 60 0.91 25.90 -11.83
N PRO A 61 0.63 26.44 -13.03
CA PRO A 61 -0.49 25.88 -13.81
C PRO A 61 -0.22 24.46 -14.34
N SER A 62 -1.31 23.75 -14.65
CA SER A 62 -1.22 22.44 -15.28
C SER A 62 -0.36 22.52 -16.51
N GLY A 63 0.53 21.55 -16.69
CA GLY A 63 1.40 21.51 -17.85
C GLY A 63 2.68 22.33 -17.68
N THR A 64 2.95 22.84 -16.49
CA THR A 64 4.25 23.49 -16.23
C THR A 64 5.35 22.42 -16.19
N ALA A 65 6.45 22.67 -16.91
CA ALA A 65 7.61 21.80 -16.90
C ALA A 65 8.38 22.05 -15.62
N ARG A 66 8.78 20.99 -14.94
CA ARG A 66 9.58 21.13 -13.73
C ARG A 66 10.55 19.99 -13.62
N ASP A 67 11.51 20.19 -12.71
CA ASP A 67 12.58 19.23 -12.42
C ASP A 67 12.14 18.38 -11.23
N PHE A 68 11.88 17.10 -11.50
CA PHE A 68 11.36 16.18 -10.49
C PHE A 68 12.47 15.27 -9.88
N HIS A 69 13.72 15.66 -10.04
CA HIS A 69 14.76 15.08 -9.21
C HIS A 69 14.38 15.14 -7.71
N SER A 70 13.73 16.23 -7.30
CA SER A 70 13.12 16.32 -5.98
CA SER A 70 13.14 16.33 -5.97
C SER A 70 11.65 16.56 -6.13
N PRO A 71 10.85 16.16 -5.14
CA PRO A 71 9.40 16.35 -5.27
C PRO A 71 9.08 17.84 -5.36
N GLN A 72 8.02 18.15 -6.08
CA GLN A 72 7.64 19.52 -6.39
C GLN A 72 6.26 19.74 -5.83
N GLN A 73 6.03 20.91 -5.27
CA GLN A 73 4.73 21.26 -4.69
C GLN A 73 3.88 22.13 -5.60
N TYR A 74 2.58 21.85 -5.60
CA TYR A 74 1.58 22.66 -6.25
C TYR A 74 0.49 23.02 -5.26
N THR A 75 -0.09 24.20 -5.42
CA THR A 75 -1.23 24.63 -4.61
C THR A 75 -2.48 24.78 -5.47
N VAL A 76 -3.55 24.13 -5.05
CA VAL A 76 -4.85 24.22 -5.65
C VAL A 76 -5.68 25.15 -4.77
N THR A 77 -6.28 26.15 -5.41
CA THR A 77 -7.19 27.08 -4.77
C THR A 77 -8.56 26.84 -5.32
N ALA A 78 -9.54 26.70 -4.40
CA ALA A 78 -10.93 26.60 -4.79
C ALA A 78 -11.41 27.87 -5.45
N ALA A 79 -12.54 27.71 -6.13
CA ALA A 79 -13.23 28.77 -6.85
C ALA A 79 -13.43 29.95 -5.96
N ASP A 80 -13.76 29.71 -4.69
CA ASP A 80 -14.02 30.82 -3.76
C ASP A 80 -12.79 31.63 -3.37
N GLY A 81 -11.58 31.18 -3.72
CA GLY A 81 -10.34 31.86 -3.33
C GLY A 81 -9.90 31.71 -1.86
N PHE A 82 -10.71 31.05 -1.04
CA PHE A 82 -10.40 30.85 0.39
C PHE A 82 -9.74 29.49 0.63
N TRP A 83 -10.38 28.41 0.19
CA TRP A 83 -9.85 27.08 0.46
C TRP A 83 -8.70 26.78 -0.49
N LYS A 84 -7.60 26.29 0.08
CA LYS A 84 -6.40 25.94 -0.71
C LYS A 84 -5.87 24.58 -0.21
N LYS A 85 -5.19 23.84 -1.06
CA LYS A 85 -4.57 22.62 -0.61
C LYS A 85 -3.24 22.50 -1.32
N LYS A 86 -2.22 22.10 -0.58
CA LYS A 86 -0.93 21.85 -1.18
C LYS A 86 -0.76 20.37 -1.45
N TYR A 87 -0.29 20.05 -2.64
CA TYR A 87 0.07 18.69 -2.98
C TYR A 87 1.56 18.63 -3.23
N THR A 88 2.18 17.56 -2.75
CA THR A 88 3.53 17.17 -3.08
C THR A 88 3.50 16.12 -4.19
N VAL A 89 4.13 16.44 -5.31
CA VAL A 89 4.11 15.57 -6.46
C VAL A 89 5.52 15.06 -6.71
N SER A 90 5.64 13.74 -6.69
CA SER A 90 6.89 13.03 -6.77
C SER A 90 6.85 12.12 -7.99
N VAL A 91 8.02 11.94 -8.60
CA VAL A 91 8.21 11.00 -9.71
C VAL A 91 9.17 9.90 -9.27
N ILE A 92 8.76 8.66 -9.44
CA ILE A 92 9.56 7.48 -9.13
C ILE A 92 10.06 6.95 -10.47
N ASP A 93 11.36 7.00 -10.68
CA ASP A 93 11.97 6.54 -11.94
C ASP A 93 12.94 5.37 -11.73
N THR A 94 12.75 4.63 -10.66
CA THR A 94 13.65 3.56 -10.28
C THR A 94 12.87 2.25 -10.24
N GLU A 95 13.60 1.14 -10.18
CA GLU A 95 12.96 -0.16 -10.11
C GLU A 95 12.49 -0.41 -8.66
N LEU A 96 11.50 -1.28 -8.49
CA LEU A 96 10.92 -1.52 -7.16
C LEU A 96 12.01 -1.81 -6.12
N ALA A 97 11.88 -1.27 -4.93
CA ALA A 97 12.83 -1.55 -3.83
C ALA A 97 12.58 -2.99 -3.39
N THR A 98 13.63 -3.67 -2.90
CA THR A 98 13.53 -5.09 -2.50
C THR A 98 14.12 -5.44 -1.12
N ILE A 99 14.61 -4.42 -0.40
CA ILE A 99 15.24 -4.62 0.92
C ILE A 99 14.49 -3.73 1.90
N TYR A 100 13.88 -4.31 2.92
CA TYR A 100 12.95 -3.57 3.78
C TYR A 100 13.35 -3.67 5.23
N ASN A 101 13.81 -2.57 5.81
CA ASN A 101 14.24 -2.55 7.21
C ASN A 101 13.27 -1.77 8.13
N PHE A 102 12.26 -1.15 7.52
CA PHE A 102 11.18 -0.48 8.22
C PHE A 102 11.62 0.64 9.15
N GLU A 103 12.72 1.32 8.77
CA GLU A 103 13.25 2.43 9.51
C GLU A 103 12.59 3.78 9.15
N ASP A 104 12.17 3.93 7.90
CA ASP A 104 11.87 5.25 7.35
C ASP A 104 10.37 5.43 7.19
N THR A 105 9.86 6.56 7.66
CA THR A 105 8.45 6.89 7.52
C THR A 105 8.34 8.38 7.18
N LEU A 106 7.18 8.81 6.68
CA LEU A 106 6.96 10.22 6.33
C LEU A 106 6.69 11.06 7.56
N GLY A 107 7.44 12.13 7.73
CA GLY A 107 7.26 13.02 8.87
C GLY A 107 6.03 13.92 8.72
N GLY A 108 5.50 14.42 9.84
CA GLY A 108 4.36 15.33 9.83
C GLY A 108 2.99 14.76 9.47
N GLN A 109 2.82 13.46 9.52
CA GLN A 109 1.53 12.84 9.20
C GLN A 109 0.85 12.40 10.48
N LYS A 110 -0.44 12.22 10.43
CA LYS A 110 -1.18 11.80 11.61
CA LYS A 110 -1.22 11.80 11.58
C LYS A 110 -1.11 10.30 11.82
N TYR A 111 -0.66 9.56 10.82
CA TYR A 111 -0.38 8.14 11.00
C TYR A 111 0.87 7.79 10.19
N TYR A 112 1.38 6.59 10.40
CA TYR A 112 2.60 6.20 9.81
C TYR A 112 2.41 5.75 8.39
N ILE A 113 3.31 6.25 7.54
CA ILE A 113 3.49 5.81 6.14
C ILE A 113 4.98 5.45 6.02
N PHE A 114 5.23 4.16 5.81
CA PHE A 114 6.56 3.60 5.58
C PHE A 114 7.01 3.84 4.17
N VAL A 115 8.23 4.32 4.02
CA VAL A 115 8.81 4.56 2.71
C VAL A 115 10.15 3.85 2.54
N GLU A 116 10.53 3.66 1.29
CA GLU A 116 11.87 3.18 0.95
C GLU A 116 12.62 4.36 0.36
N ARG A 117 13.90 4.54 0.72
CA ARG A 117 14.72 5.63 0.24
C ARG A 117 15.97 5.10 -0.49
N GLU A 118 16.45 5.89 -1.45
CA GLU A 118 17.84 5.81 -1.94
C GLU A 118 18.45 7.16 -1.62
N GLY A 119 19.29 7.22 -0.59
CA GLY A 119 19.79 8.49 -0.05
C GLY A 119 18.60 9.26 0.49
N GLU A 120 18.49 10.52 0.12
CA GLU A 120 17.35 11.38 0.51
C GLU A 120 16.12 11.17 -0.41
N LYS A 121 16.30 10.52 -1.56
CA LYS A 121 15.18 10.25 -2.49
C LYS A 121 14.28 9.05 -2.08
N VAL A 122 13.02 9.36 -1.79
CA VAL A 122 11.99 8.35 -1.62
C VAL A 122 11.74 7.58 -2.95
N VAL A 123 11.84 6.26 -2.93
CA VAL A 123 11.57 5.43 -4.14
C VAL A 123 10.34 4.53 -4.04
N GLU A 125 6.39 4.29 -1.44
CA GLU A 125 5.54 4.38 -0.28
C GLU A 125 4.72 3.11 -0.12
N TRP A 126 4.91 2.42 0.99
CA TRP A 126 4.03 1.29 1.34
C TRP A 126 2.65 1.85 1.62
N ALA A 127 1.65 1.01 1.40
CA ALA A 127 0.25 1.39 1.70
C ALA A 127 -0.26 0.55 2.87
N SER A 128 -1.31 1.05 3.54
CA SER A 128 -2.08 0.30 4.54
C SER A 128 -3.49 0.81 4.53
N GLY A 129 -4.34 0.20 5.37
CA GLY A 129 -5.68 0.72 5.56
C GLY A 129 -5.83 1.88 6.52
N ASN A 130 -4.73 2.53 6.93
CA ASN A 130 -4.80 3.65 7.87
C ASN A 130 -5.79 4.77 7.51
N ALA A 131 -5.80 5.22 6.26
CA ALA A 131 -6.75 6.23 5.80
C ALA A 131 -8.21 5.79 6.07
N GLY A 132 -8.45 4.50 5.93
CA GLY A 132 -9.76 3.93 6.18
C GLY A 132 -10.07 3.95 7.66
N TYR A 133 -9.13 3.49 8.48
CA TYR A 133 -9.34 3.50 9.93
C TYR A 133 -9.65 4.88 10.53
N ALA A 134 -9.02 5.91 9.97
CA ALA A 134 -9.27 7.28 10.40
C ALA A 134 -10.75 7.64 10.32
N THR A 136 -13.24 5.80 11.06
CA THR A 136 -14.05 5.21 12.15
C THR A 136 -14.18 6.16 13.32
N GLY A 137 -13.34 7.20 13.33
CA GLY A 137 -13.29 8.15 14.45
C GLY A 137 -12.56 7.67 15.70
N VAL A 138 -12.02 6.44 15.68
CA VAL A 138 -11.40 5.87 16.89
C VAL A 138 -9.97 6.40 17.24
N PRO A 139 -9.03 6.46 16.28
CA PRO A 139 -7.64 6.75 16.66
C PRO A 139 -7.44 8.19 17.14
N LYS A 140 -6.59 8.37 18.14
CA LYS A 140 -6.20 9.71 18.58
C LYS A 140 -4.84 10.13 18.09
N THR A 141 -3.90 9.17 17.98
CA THR A 141 -2.55 9.42 17.55
C THR A 141 -2.09 8.24 16.67
N ALA A 142 -0.93 8.42 16.07
CA ALA A 142 -0.37 7.48 15.09
C ALA A 142 -0.31 6.07 15.64
N ASP A 143 -0.05 5.94 16.94
CA ASP A 143 0.02 4.63 17.64
C ASP A 143 -1.29 3.90 17.88
N ASP A 144 -2.42 4.55 17.59
CA ASP A 144 -3.72 3.94 17.78
C ASP A 144 -4.21 3.25 16.49
N TYR A 145 -3.49 3.43 15.40
CA TYR A 145 -3.89 2.83 14.13
C TYR A 145 -3.47 1.33 14.06
N PRO A 146 -4.04 0.59 13.11
CA PRO A 146 -3.69 -0.82 12.94
C PRO A 146 -2.25 -1.03 12.44
N THR A 147 -1.70 -0.02 11.79
CA THR A 147 -0.41 -0.12 11.16
C THR A 147 0.47 1.03 11.71
N PHE A 148 1.52 0.69 12.44
CA PHE A 148 2.44 1.70 12.99
C PHE A 148 3.86 1.18 13.10
N GLN A 149 4.77 2.08 13.51
CA GLN A 149 6.17 1.72 13.66
C GLN A 149 6.52 1.50 15.11
N PHE A 150 7.29 0.46 15.41
CA PHE A 150 7.60 0.11 16.81
C PHE A 150 9.10 0.21 17.00
N ALA A 151 9.54 0.74 18.13
CA ALA A 151 10.97 1.06 18.32
C ALA A 151 11.86 -0.17 18.42
N ASN A 152 11.33 -1.29 18.92
CA ASN A 152 12.18 -2.45 19.20
C ASN A 152 12.13 -3.51 18.12
N GLY A 153 12.82 -3.25 17.02
CA GLY A 153 12.84 -4.16 15.90
C GLY A 153 13.97 -5.17 16.09
N LYS A 154 14.20 -5.99 15.08
CA LYS A 154 15.28 -6.93 15.13
C LYS A 154 16.59 -6.15 15.02
N THR A 155 16.68 -5.24 14.05
CA THR A 155 17.74 -4.21 14.04
C THR A 155 16.99 -2.93 13.80
N GLY A 156 17.34 -1.87 14.50
CA GLY A 156 16.56 -0.61 14.45
C GLY A 156 15.10 -0.83 14.80
N LYS A 157 14.20 -0.12 14.11
CA LYS A 157 12.76 -0.19 14.38
C LYS A 157 12.16 -1.22 13.47
N CYS A 158 10.87 -1.48 13.66
CA CYS A 158 10.16 -2.42 12.80
C CYS A 158 8.70 -2.04 12.59
N LEU A 159 8.07 -2.83 11.72
CA LEU A 159 6.69 -2.73 11.38
C LEU A 159 5.89 -3.45 12.46
N SER A 160 4.82 -2.79 12.93
CA SER A 160 3.89 -3.38 13.86
C SER A 160 2.47 -3.31 13.34
N LEU A 161 1.81 -4.45 13.32
CA LEU A 161 0.48 -4.58 12.80
C LEU A 161 -0.40 -5.16 13.93
N VAL A 162 -1.43 -4.41 14.30
CA VAL A 162 -2.29 -4.79 15.41
C VAL A 162 -3.76 -4.66 14.98
N THR A 163 -4.52 -5.74 15.10
CA THR A 163 -5.95 -5.77 14.81
C THR A 163 -6.70 -4.97 15.86
N ARG A 164 -7.45 -3.97 15.40
CA ARG A 164 -8.09 -3.00 16.27
C ARG A 164 -9.59 -3.11 16.19
N SER A 165 -10.27 -2.73 17.27
CA SER A 165 -11.70 -2.44 17.18
C SER A 165 -11.93 -1.17 16.36
N THR A 166 -12.99 -1.16 15.55
CA THR A 166 -13.41 0.04 14.81
C THR A 166 -14.51 0.80 15.54
N GLY A 167 -14.84 0.38 16.76
CA GLY A 167 -15.80 1.09 17.60
C GLY A 167 -17.24 1.01 17.06
N PHE A 168 -18.10 1.84 17.61
CA PHE A 168 -19.51 1.80 17.26
C PHE A 168 -19.75 2.06 15.76
N PHE A 169 -18.99 3.01 15.20
CA PHE A 169 -19.29 3.44 13.84
C PHE A 169 -18.86 2.36 12.87
N GLY A 170 -17.74 1.72 13.14
CA GLY A 170 -17.35 0.58 12.34
C GLY A 170 -18.38 -0.55 12.42
N SER A 171 -18.91 -0.79 13.61
CA SER A 171 -19.86 -1.89 13.74
C SER A 171 -21.16 -1.64 12.99
N ILE A 172 -21.65 -0.41 13.00
CA ILE A 172 -22.85 -0.17 12.23
C ILE A 172 -22.61 -0.29 10.70
N GLY A 174 -20.97 -2.74 9.50
CA GLY A 174 -20.70 -4.16 9.27
C GLY A 174 -19.22 -4.44 9.21
N PRO A 176 -16.60 -4.49 12.03
CA PRO A 176 -16.34 -4.32 13.48
C PRO A 176 -14.89 -4.36 13.92
N ILE A 177 -13.98 -4.81 13.08
CA ILE A 177 -12.55 -4.83 13.40
C ILE A 177 -11.76 -4.41 12.18
N ALA A 178 -10.50 -4.03 12.41
CA ALA A 178 -9.59 -3.61 11.36
C ALA A 178 -8.24 -4.32 11.56
N ALA A 179 -7.88 -5.20 10.65
CA ALA A 179 -6.60 -5.85 10.71
C ALA A 179 -5.52 -4.85 10.43
N GLY A 180 -4.37 -5.01 11.07
CA GLY A 180 -3.20 -4.22 10.66
C GLY A 180 -2.66 -4.85 9.40
N ASN A 181 -2.45 -4.03 8.38
CA ASN A 181 -1.81 -4.48 7.17
C ASN A 181 -0.76 -3.51 6.60
N LEU A 182 0.01 -4.04 5.67
CA LEU A 182 0.94 -3.23 4.93
C LEU A 182 1.13 -3.95 3.63
N PHE A 183 1.14 -3.19 2.53
CA PHE A 183 1.35 -3.81 1.24
C PHE A 183 1.94 -2.89 0.18
N ILE A 184 2.49 -3.50 -0.84
CA ILE A 184 2.92 -2.81 -2.03
C ILE A 184 1.69 -2.55 -2.92
N GLY A 185 1.49 -1.30 -3.28
CA GLY A 185 0.25 -0.92 -3.98
C GLY A 185 -0.27 0.43 -3.48
N SER A 186 -1.60 0.57 -3.47
CA SER A 186 -2.19 1.77 -2.91
C SER A 186 -3.52 1.48 -2.22
N PHE A 187 -3.95 2.44 -1.41
CA PHE A 187 -5.22 2.31 -0.68
C PHE A 187 -6.19 3.36 -1.23
N ASP A 188 -7.28 2.92 -1.82
CA ASP A 188 -8.23 3.82 -2.44
C ASP A 188 -9.30 4.18 -1.42
N VAL A 189 -9.17 5.35 -0.82
CA VAL A 189 -9.96 5.69 0.34
C VAL A 189 -11.43 5.89 -0.05
N GLY A 190 -11.72 6.06 -1.35
CA GLY A 190 -13.11 6.19 -1.82
C GLY A 190 -13.90 4.89 -1.69
N ASN A 191 -13.21 3.75 -1.62
CA ASN A 191 -13.87 2.47 -1.34
C ASN A 191 -13.78 1.96 0.11
N ALA A 192 -13.17 2.74 1.00
CA ALA A 192 -12.76 2.24 2.29
C ALA A 192 -13.91 1.64 3.09
N SER A 194 -17.21 1.23 1.62
CA SER A 194 -18.33 0.89 0.71
C SER A 194 -17.98 -0.42 0.05
N ASN A 195 -16.72 -0.59 -0.40
CA ASN A 195 -16.22 -1.87 -0.94
C ASN A 195 -14.76 -2.10 -0.44
N PRO A 196 -14.57 -2.43 0.85
CA PRO A 196 -13.22 -2.36 1.42
C PRO A 196 -12.20 -3.28 0.75
N LEU A 197 -12.67 -4.39 0.22
CA LEU A 197 -11.77 -5.31 -0.47
C LEU A 197 -11.23 -4.71 -1.78
N LYS A 198 -12.00 -3.78 -2.38
CA LYS A 198 -11.56 -3.02 -3.56
C LYS A 198 -10.63 -1.88 -3.18
N ALA A 199 -10.63 -1.49 -1.92
CA ALA A 199 -9.80 -0.39 -1.45
C ALA A 199 -8.31 -0.74 -1.44
N THR A 200 -7.98 -1.99 -1.17
CA THR A 200 -6.58 -2.44 -1.13
C THR A 200 -6.13 -2.86 -2.52
N LYS A 201 -5.43 -1.96 -3.21
CA LYS A 201 -4.95 -2.23 -4.55
C LYS A 201 -3.54 -2.74 -4.48
N PHE A 202 -3.38 -4.00 -4.83
CA PHE A 202 -2.12 -4.71 -4.63
C PHE A 202 -1.28 -4.72 -5.90
N GLY A 203 -0.07 -4.18 -5.77
CA GLY A 203 1.02 -4.47 -6.71
C GLY A 203 1.57 -3.26 -7.41
N LEU A 204 2.87 -3.30 -7.72
CA LEU A 204 3.49 -2.31 -8.58
C LEU A 204 4.38 -3.06 -9.58
N PRO A 205 4.77 -2.37 -10.66
CA PRO A 205 5.54 -3.09 -11.70
C PRO A 205 6.89 -3.59 -11.19
N PHE A 206 7.27 -4.81 -11.61
CA PHE A 206 8.52 -5.47 -11.19
C PHE A 206 9.12 -6.17 -12.39
N ARG A 207 10.40 -5.93 -12.67
CA ARG A 207 11.01 -6.42 -13.92
CA ARG A 207 11.02 -6.41 -13.91
C ARG A 207 12.06 -7.54 -13.70
N HIS A 208 11.96 -8.28 -12.60
CA HIS A 208 12.79 -9.49 -12.39
C HIS A 208 11.86 -10.65 -12.01
N ILE A 209 12.41 -11.86 -11.91
CA ILE A 209 11.68 -13.05 -11.56
C ILE A 209 11.91 -13.25 -10.08
N PRO A 210 10.89 -12.95 -9.26
CA PRO A 210 11.04 -13.16 -7.86
C PRO A 210 11.07 -14.66 -7.54
N THR A 211 11.97 -15.05 -6.64
CA THR A 211 12.13 -16.45 -6.24
C THR A 211 11.78 -16.76 -4.77
N TYR A 212 12.01 -15.80 -3.86
CA TYR A 212 11.70 -15.99 -2.43
C TYR A 212 11.35 -14.65 -1.79
N LEU A 213 10.45 -14.71 -0.80
CA LEU A 213 10.20 -13.60 0.12
C LEU A 213 10.71 -14.10 1.48
N ALA A 214 11.67 -13.38 2.07
CA ALA A 214 12.34 -13.79 3.30
C ALA A 214 12.27 -12.64 4.30
N GLY A 215 12.30 -12.97 5.59
CA GLY A 215 12.35 -11.97 6.64
C GLY A 215 12.11 -12.56 7.99
N TYR A 216 11.87 -11.70 8.98
CA TYR A 216 11.62 -12.15 10.33
C TYR A 216 10.29 -11.65 10.89
N TYR A 217 9.67 -12.45 11.76
CA TYR A 217 8.46 -12.02 12.43
C TYR A 217 8.38 -12.48 13.87
N LYS A 218 7.51 -11.79 14.60
CA LYS A 218 6.98 -12.22 15.87
C LYS A 218 5.45 -12.12 15.74
N TYR A 219 4.75 -12.96 16.49
CA TYR A 219 3.28 -12.93 16.44
C TYR A 219 2.64 -13.37 17.75
N LYS A 220 1.62 -12.63 18.15
CA LYS A 220 0.76 -12.97 19.28
C LYS A 220 -0.72 -12.79 18.84
N ALA A 221 -1.53 -13.83 18.96
CA ALA A 221 -2.96 -13.74 18.67
C ALA A 221 -3.63 -12.98 19.78
N GLY A 222 -4.68 -12.24 19.46
CA GLY A 222 -5.53 -11.65 20.49
C GLY A 222 -6.31 -12.73 21.21
N ASP A 223 -6.79 -12.36 22.39
CA ASP A 223 -7.47 -13.25 23.37
C ASP A 223 -8.78 -13.85 22.86
N GLN A 224 -9.57 -13.07 22.14
CA GLN A 224 -10.91 -13.47 21.79
C GLN A 224 -11.14 -13.30 20.30
N PHE A 225 -11.22 -14.40 19.60
CA PHE A 225 -11.52 -14.40 18.21
C PHE A 225 -12.98 -14.04 18.00
N THR A 226 -13.25 -13.15 17.06
CA THR A 226 -14.61 -12.80 16.68
C THR A 226 -14.84 -12.98 15.17
N GLU A 227 -16.09 -13.28 14.82
CA GLU A 227 -16.53 -13.41 13.44
C GLU A 227 -17.65 -12.42 13.25
N GLY A 228 -17.38 -11.37 12.47
CA GLY A 228 -18.36 -10.31 12.27
C GLY A 228 -18.84 -9.71 13.57
N GLY A 229 -17.94 -9.57 14.53
CA GLY A 229 -18.32 -9.04 15.84
C GLY A 229 -18.83 -10.04 16.86
N LYS A 230 -19.10 -11.29 16.46
CA LYS A 230 -19.62 -12.32 17.39
C LYS A 230 -18.50 -13.25 17.90
N PRO A 231 -18.38 -13.40 19.24
CA PRO A 231 -17.33 -14.29 19.78
C PRO A 231 -17.47 -15.71 19.33
N VAL A 232 -16.34 -16.36 19.10
CA VAL A 232 -16.30 -17.76 18.66
C VAL A 232 -15.23 -18.44 19.53
N SER A 233 -15.52 -19.65 19.99
CA SER A 233 -14.71 -20.30 21.03
CA SER A 233 -14.73 -20.33 21.03
C SER A 233 -13.64 -21.26 20.49
N GLY A 234 -13.87 -21.87 19.33
CA GLY A 234 -12.92 -22.88 18.85
C GLY A 234 -11.69 -22.38 18.08
N LYS A 235 -11.47 -21.06 18.06
CA LYS A 235 -10.59 -20.48 17.04
C LYS A 235 -9.48 -19.61 17.62
N ARG A 236 -8.29 -19.69 17.05
CA ARG A 236 -7.18 -18.82 17.46
C ARG A 236 -6.74 -18.03 16.21
N ASP A 237 -6.49 -16.73 16.37
CA ASP A 237 -6.15 -15.91 15.21
C ASP A 237 -4.76 -16.31 14.70
N ILE A 238 -4.47 -15.98 13.43
CA ILE A 238 -3.14 -16.17 12.87
C ILE A 238 -2.91 -15.06 11.86
N CYS A 239 -1.65 -14.69 11.66
CA CYS A 239 -1.24 -13.74 10.65
C CYS A 239 -1.21 -14.36 9.26
N ASP A 240 -1.06 -13.49 8.25
CA ASP A 240 -0.77 -13.93 6.87
C ASP A 240 0.36 -13.06 6.33
N ILE A 241 1.22 -13.71 5.56
CA ILE A 241 2.32 -13.07 4.88
C ILE A 241 2.41 -13.71 3.50
N TYR A 242 2.30 -12.91 2.45
CA TYR A 242 2.27 -13.45 1.13
C TYR A 242 2.76 -12.44 0.10
N ALA A 243 3.00 -12.93 -1.11
CA ALA A 243 3.40 -12.11 -2.25
C ALA A 243 2.81 -12.74 -3.49
N ILE A 244 2.46 -11.89 -4.46
CA ILE A 244 1.88 -12.33 -5.73
C ILE A 244 2.59 -11.59 -6.87
N TYR A 246 1.53 -10.91 -10.96
CA TYR A 246 0.51 -11.05 -11.99
C TYR A 246 0.79 -10.15 -13.19
N GLU A 247 0.25 -10.55 -14.32
CA GLU A 247 0.32 -9.79 -15.53
C GLU A 247 -0.80 -8.73 -15.58
N THR A 248 -0.42 -7.48 -15.89
CA THR A 248 -1.38 -6.40 -16.01
C THR A 248 -1.92 -6.33 -17.43
N SER A 249 -3.05 -5.67 -17.60
CA SER A 249 -3.60 -5.38 -18.91
C SER A 249 -4.52 -4.18 -18.76
N GLU A 250 -5.12 -3.78 -19.87
CA GLU A 250 -6.08 -2.72 -19.89
C GLU A 250 -7.21 -3.02 -18.92
N SER A 251 -7.74 -4.24 -18.90
CA SER A 251 -8.82 -4.59 -17.96
C SER A 251 -8.36 -4.93 -16.53
N VAL A 252 -7.08 -5.25 -16.34
CA VAL A 252 -6.58 -5.63 -15.02
C VAL A 252 -5.33 -4.82 -14.73
N PRO A 253 -5.53 -3.58 -14.23
CA PRO A 253 -4.39 -2.72 -13.89
C PRO A 253 -3.81 -3.02 -12.51
N THR A 254 -4.60 -3.71 -11.70
CA THR A 254 -4.23 -4.08 -10.36
C THR A 254 -5.10 -5.29 -9.94
N LEU A 255 -4.67 -5.99 -8.90
CA LEU A 255 -5.51 -6.94 -8.19
C LEU A 255 -5.85 -6.26 -6.89
N ASP A 256 -6.79 -6.85 -6.15
CA ASP A 256 -7.23 -6.34 -4.86
C ASP A 256 -7.69 -7.44 -3.94
N GLY A 257 -8.35 -7.06 -2.84
CA GLY A 257 -8.84 -8.07 -1.91
C GLY A 257 -9.86 -9.05 -2.46
N THR A 258 -10.45 -8.80 -3.61
CA THR A 258 -11.43 -9.74 -4.12
C THR A 258 -10.75 -10.85 -4.93
N ASN A 259 -9.50 -10.68 -5.34
CA ASN A 259 -8.93 -11.61 -6.32
C ASN A 259 -7.43 -11.83 -6.25
N ALA A 260 -6.86 -11.48 -5.13
CA ALA A 260 -5.42 -11.63 -4.89
C ALA A 260 -4.91 -13.04 -5.15
N PHE A 261 -5.72 -14.06 -4.80
CA PHE A 261 -5.28 -15.45 -4.94
C PHE A 261 -6.00 -16.19 -6.06
N THR A 262 -6.92 -15.53 -6.75
CA THR A 262 -7.74 -16.26 -7.72
C THR A 262 -7.74 -15.65 -9.12
N SER A 263 -7.23 -14.44 -9.32
CA SER A 263 -7.28 -13.84 -10.65
C SER A 263 -6.59 -14.70 -11.70
N PRO A 264 -7.21 -14.88 -12.87
CA PRO A 264 -6.52 -15.66 -13.92
C PRO A 264 -5.24 -14.96 -14.39
N ASN A 265 -5.05 -13.70 -14.04
CA ASN A 265 -3.81 -13.00 -14.40
C ASN A 265 -2.62 -13.37 -13.53
N LEU A 266 -2.87 -14.07 -12.42
CA LEU A 266 -1.76 -14.46 -11.50
C LEU A 266 -0.80 -15.39 -12.21
N VAL A 267 0.51 -15.17 -12.01
CA VAL A 267 1.50 -16.10 -12.51
CA VAL A 267 1.57 -16.04 -12.51
C VAL A 267 2.26 -16.82 -11.39
N SER A 268 2.33 -16.22 -10.20
N SER A 268 2.42 -16.20 -10.21
CA SER A 268 3.14 -16.74 -9.12
CA SER A 268 3.13 -16.84 -9.11
C SER A 268 2.61 -16.28 -7.76
C SER A 268 2.64 -16.29 -7.77
N ILE A 269 2.72 -17.16 -6.77
CA ILE A 269 2.34 -16.85 -5.40
C ILE A 269 3.33 -17.42 -4.39
N ALA A 270 3.75 -16.60 -3.42
CA ALA A 270 4.51 -17.05 -2.24
C ALA A 270 3.61 -16.81 -1.01
N ARG A 271 3.58 -17.74 -0.06
CA ARG A 271 2.68 -17.60 1.12
C ARG A 271 3.15 -18.45 2.29
N ILE A 272 3.14 -17.87 3.48
CA ILE A 272 3.57 -18.59 4.67
C ILE A 272 2.58 -19.74 4.93
N ASP A 273 3.12 -20.91 5.25
CA ASP A 273 2.30 -22.08 5.60
C ASP A 273 2.59 -22.63 6.99
N ASP A 274 3.53 -22.07 7.75
CA ASP A 274 3.84 -22.58 9.10
C ASP A 274 3.92 -21.43 10.11
N ALA A 275 3.11 -20.40 9.93
CA ALA A 275 3.02 -19.31 10.88
C ALA A 275 2.58 -19.80 12.27
N LYS A 276 3.16 -19.20 13.31
CA LYS A 276 2.81 -19.57 14.68
C LYS A 276 2.89 -18.35 15.61
N GLU A 277 2.31 -18.50 16.78
CA GLU A 277 2.54 -17.52 17.85
C GLU A 277 3.94 -17.72 18.38
N THR A 278 4.72 -16.66 18.44
CA THR A 278 6.06 -16.73 18.94
C THR A 278 6.52 -15.35 19.40
N ASP A 279 7.28 -15.30 20.50
CA ASP A 279 7.86 -14.07 20.99
CA ASP A 279 7.85 -14.03 20.94
C ASP A 279 9.34 -13.97 20.60
N GLU A 280 9.80 -14.84 19.72
CA GLU A 280 11.17 -14.73 19.25
C GLU A 280 11.13 -14.43 17.76
N TRP A 281 12.07 -13.62 17.28
CA TRP A 281 12.15 -13.27 15.86
C TRP A 281 12.38 -14.55 15.11
N THR A 282 11.46 -14.88 14.21
CA THR A 282 11.43 -16.18 13.55
C THR A 282 11.57 -15.93 12.06
N TYR A 283 12.46 -16.67 11.43
CA TYR A 283 12.79 -16.51 10.04
C TYR A 283 11.74 -17.16 9.16
N PHE A 284 11.36 -16.49 8.06
CA PHE A 284 10.57 -17.11 7.03
C PHE A 284 11.27 -16.96 5.71
N LYS A 285 11.11 -17.95 4.86
CA LYS A 285 11.68 -17.89 3.52
C LYS A 285 10.74 -18.58 2.57
N LEU A 286 9.91 -17.79 1.89
CA LEU A 286 8.75 -18.30 1.18
C LEU A 286 9.08 -18.41 -0.29
N PRO A 287 9.09 -19.63 -0.84
CA PRO A 287 9.31 -19.71 -2.27
C PRO A 287 8.13 -19.23 -3.09
N PHE A 288 8.43 -18.53 -4.19
CA PHE A 288 7.39 -18.22 -5.16
C PHE A 288 7.09 -19.51 -5.95
N HIS A 289 5.82 -19.85 -6.01
CA HIS A 289 5.37 -20.98 -6.81
C HIS A 289 4.90 -20.44 -8.18
N LEU A 291 2.47 -20.79 -11.06
CA LEU A 291 1.20 -21.52 -11.16
C LEU A 291 1.06 -22.35 -12.40
N SER A 292 0.24 -23.39 -12.29
CA SER A 292 0.02 -24.33 -13.39
C SER A 292 -0.49 -23.61 -14.66
N GLY A 293 0.07 -23.95 -15.81
CA GLY A 293 -0.32 -23.34 -17.08
C GLY A 293 0.01 -21.86 -17.18
N LYS A 294 0.83 -21.31 -16.27
CA LYS A 294 1.26 -19.92 -16.40
CA LYS A 294 1.27 -19.93 -16.40
C LYS A 294 2.76 -19.89 -16.72
N TYR A 295 3.22 -18.76 -17.26
CA TYR A 295 4.65 -18.56 -17.56
C TYR A 295 5.01 -17.08 -17.54
N ILE A 296 6.23 -16.77 -17.12
CA ILE A 296 6.75 -15.41 -17.13
C ILE A 296 7.45 -15.17 -18.45
N ASP A 297 6.86 -14.33 -19.29
CA ASP A 297 7.44 -14.06 -20.59
C ASP A 297 8.53 -12.99 -20.45
N LYS A 298 9.70 -13.24 -21.03
CA LYS A 298 10.89 -12.38 -20.93
C LYS A 298 10.64 -10.97 -21.42
N GLU A 299 10.07 -10.87 -22.61
CA GLU A 299 9.78 -9.58 -23.21
C GLU A 299 8.69 -8.79 -22.44
N LYS A 300 7.65 -9.46 -21.94
CA LYS A 300 6.66 -8.77 -21.10
C LYS A 300 7.35 -8.28 -19.84
N LEU A 301 8.23 -9.11 -19.28
CA LEU A 301 8.91 -8.77 -18.04
C LEU A 301 9.74 -7.49 -18.19
N THR A 302 10.58 -7.45 -19.22
CA THR A 302 11.46 -6.31 -19.44
C THR A 302 10.62 -5.06 -19.78
N ALA A 303 9.47 -5.25 -20.44
CA ALA A 303 8.56 -4.14 -20.74
C ALA A 303 7.75 -3.64 -19.55
N GLY A 304 7.80 -4.35 -18.42
CA GLY A 304 7.07 -3.92 -17.24
C GLY A 304 5.60 -4.33 -17.17
N LYS A 305 5.24 -5.42 -17.86
CA LYS A 305 3.86 -5.96 -17.90
C LYS A 305 3.50 -6.83 -16.70
N TYR A 306 4.40 -7.01 -15.72
CA TYR A 306 4.08 -7.77 -14.50
C TYR A 306 4.23 -6.87 -13.29
N ASN A 307 3.32 -7.06 -12.33
CA ASN A 307 3.38 -6.44 -11.06
C ASN A 307 3.63 -7.48 -10.00
N VAL A 308 4.26 -7.02 -8.92
CA VAL A 308 4.43 -7.82 -7.74
C VAL A 308 3.82 -7.04 -6.59
N ALA A 309 3.15 -7.77 -5.71
CA ALA A 309 2.72 -7.27 -4.39
C ALA A 309 3.27 -8.14 -3.28
N ILE A 310 3.57 -7.50 -2.15
CA ILE A 310 3.91 -8.15 -0.89
C ILE A 310 2.88 -7.65 0.09
N VAL A 311 2.33 -8.56 0.87
CA VAL A 311 1.28 -8.24 1.84
C VAL A 311 1.53 -8.92 3.19
N PHE A 312 1.41 -8.11 4.25
CA PHE A 312 1.44 -8.53 5.64
C PHE A 312 0.13 -8.16 6.30
N THR A 313 -0.41 -9.06 7.12
CA THR A 313 -1.60 -8.74 7.93
C THR A 313 -1.60 -9.51 9.27
N SER A 314 -2.06 -8.84 10.31
CA SER A 314 -2.12 -9.40 11.65
C SER A 314 -3.27 -10.40 11.83
N SER A 315 -4.21 -10.42 10.89
CA SER A 315 -5.39 -11.32 10.97
C SER A 315 -5.72 -11.85 9.57
N LEU A 316 -5.47 -13.14 9.38
CA LEU A 316 -5.56 -13.79 8.11
C LEU A 316 -6.89 -13.53 7.43
N GLU A 317 -7.99 -13.57 8.17
CA GLU A 317 -9.30 -13.31 7.61
C GLU A 317 -9.87 -11.97 8.09
N GLY A 318 -8.97 -11.10 8.49
CA GLY A 318 -9.42 -9.79 8.97
C GLY A 318 -10.11 -8.94 7.94
N ASP A 319 -9.78 -9.17 6.69
CA ASP A 319 -10.40 -8.46 5.59
C ASP A 319 -11.89 -8.81 5.42
N HIS A 320 -12.31 -9.95 5.97
CA HIS A 320 -13.71 -10.31 6.11
C HIS A 320 -14.20 -10.17 7.58
N PHE A 321 -13.50 -9.40 8.41
CA PHE A 321 -13.89 -9.16 9.82
C PHE A 321 -13.91 -10.39 10.71
N ASN A 322 -13.05 -11.34 10.42
CA ASN A 322 -12.83 -12.47 11.28
C ASN A 322 -11.44 -12.41 11.85
N GLY A 323 -11.34 -12.35 13.16
CA GLY A 323 -10.03 -12.08 13.78
C GLY A 323 -10.15 -11.75 15.24
N ALA A 324 -9.02 -11.52 15.90
CA ALA A 324 -9.06 -11.14 17.31
C ALA A 324 -8.47 -9.76 17.51
N ILE A 325 -9.19 -8.91 18.20
CA ILE A 325 -8.66 -7.61 18.54
C ILE A 325 -7.42 -7.85 19.37
N GLY A 326 -6.36 -7.13 19.08
CA GLY A 326 -5.08 -7.29 19.82
C GLY A 326 -4.09 -8.22 19.12
N SER A 327 -4.50 -8.95 18.09
CA SER A 327 -3.54 -9.77 17.33
C SER A 327 -2.43 -8.88 16.85
N THR A 328 -1.16 -9.24 17.10
CA THR A 328 0.01 -8.37 16.85
C THR A 328 1.08 -9.10 16.05
N LEU A 329 1.36 -8.59 14.85
CA LEU A 329 2.39 -9.09 13.98
C LEU A 329 3.47 -8.02 13.89
N LEU A 330 4.68 -8.37 14.31
CA LEU A 330 5.88 -7.56 14.08
C LEU A 330 6.71 -8.11 12.94
N ILE A 331 7.19 -7.23 12.06
CA ILE A 331 7.92 -7.66 10.87
C ILE A 331 9.18 -6.84 10.77
N ASP A 332 10.30 -7.51 10.47
CA ASP A 332 11.54 -6.79 10.22
C ASP A 332 12.47 -7.54 9.28
N GLU A 333 13.40 -6.78 8.69
CA GLU A 333 14.50 -7.34 7.85
C GLU A 333 13.96 -8.23 6.72
N VAL A 334 13.08 -7.68 5.88
CA VAL A 334 12.47 -8.49 4.85
C VAL A 334 13.23 -8.24 3.57
N GLU A 335 13.27 -9.25 2.71
CA GLU A 335 13.85 -9.11 1.40
C GLU A 335 13.01 -9.79 0.33
N LEU A 336 12.77 -9.08 -0.77
CA LEU A 336 12.29 -9.74 -2.00
C LEU A 336 13.49 -10.21 -2.83
N ILE A 337 13.72 -11.52 -2.84
CA ILE A 337 14.86 -12.11 -3.53
C ILE A 337 14.41 -12.53 -4.93
N TYR A 338 15.18 -12.15 -5.92
CA TYR A 338 14.90 -12.45 -7.33
C TYR A 338 16.12 -13.06 -8.06
N ARG A 339 15.83 -13.72 -9.17
CA ARG A 339 16.89 -14.45 -9.89
C ARG A 339 17.85 -13.49 -10.56
N SER A 340 19.17 -13.75 -10.48
CA SER A 340 20.17 -12.89 -11.17
C SER A 340 20.10 -13.08 -12.69
N GLU A 341 20.19 -11.97 -13.43
CA GLU A 341 19.97 -11.92 -14.90
C GLU A 341 21.25 -11.72 -15.75
#